data_4GYI
#
_entry.id   4GYI
#
_cell.length_a   119.624
_cell.length_b   119.624
_cell.length_c   71.783
_cell.angle_alpha   90.00
_cell.angle_beta   90.00
_cell.angle_gamma   120.00
#
_symmetry.space_group_name_H-M   'H 3'
#
loop_
_entity.id
_entity.type
_entity.pdbx_description
1 polymer 'Rio2 kinase'
2 non-polymer "ADENOSINE-5'-DIPHOSPHATE"
3 non-polymer 'MAGNESIUM ION'
4 non-polymer 1,2-ETHANEDIOL
5 water water
#
_entity_poly.entity_id   1
_entity_poly.type   'polypeptide(L)'
_entity_poly.pdbx_seq_one_letter_code
;SMKLDTRAMRHLTAEDWRVLTAVEMGSKNHEIVPTPLIEKIARLRGGSSGVHKSIATLAKAGLIARMKEAKYDGYRLTYG
GLDYLALHTHAARKDVYSVGSRIGVGKESDIMIVADEKGKQKVLKIHRLGRISFRTVKANRDYLRNRSTGSWMYLSRLAA
IKEFAFMKALYEEGFPVPEPIAQSRHTIVMSLVDALPMRQVSSVPDPASLYADLIALILRLAKHGLIHGDFNEFNILIRE
EKDAEDPSSITLTPIII(PHD)FPQMVSMDHPNAEMYFDRDVQCIKRFFERRFHFVSTTPGPFYKDAKKTVGKDGAKRLD
AALEASGFTKKMAKDLEAAIREQQESRNDEEDSDDYEEDSDKEKASNEDTDVDDGRLQVIGDHVQLGTEGDLKKLTINDG
T
;
_entity_poly.pdbx_strand_id   A
#
loop_
_chem_comp.id
_chem_comp.type
_chem_comp.name
_chem_comp.formula
ADP non-polymer ADENOSINE-5'-DIPHOSPHATE 'C10 H15 N5 O10 P2'
EDO non-polymer 1,2-ETHANEDIOL 'C2 H6 O2'
MG non-polymer 'MAGNESIUM ION' 'Mg 2'
#
# COMPACT_ATOMS: atom_id res chain seq x y z
N LYS A 3 2.59 2.11 16.76
CA LYS A 3 3.06 3.03 15.73
C LYS A 3 4.54 2.82 15.44
N LEU A 4 5.10 3.66 14.58
CA LEU A 4 6.51 3.54 14.20
C LEU A 4 7.34 4.76 14.62
N ASP A 5 8.34 4.53 15.47
CA ASP A 5 9.24 5.61 15.86
C ASP A 5 10.58 5.50 15.14
N THR A 6 11.00 6.61 14.55
CA THR A 6 12.25 6.64 13.79
C THR A 6 13.36 7.33 14.59
N ARG A 7 13.20 7.38 15.91
CA ARG A 7 14.21 8.00 16.77
C ARG A 7 15.58 7.31 16.65
N ALA A 8 15.57 5.97 16.73
CA ALA A 8 16.80 5.20 16.76
C ALA A 8 17.55 5.23 15.45
N MET A 9 16.80 5.49 14.37
CA MET A 9 17.31 5.49 13.01
C MET A 9 18.69 6.14 12.84
N ARG A 10 18.94 7.20 13.61
CA ARG A 10 20.23 7.90 13.52
C ARG A 10 21.30 7.39 14.48
N HIS A 11 20.89 6.73 15.56
CA HIS A 11 21.84 6.05 16.44
C HIS A 11 22.57 4.91 15.71
N LEU A 12 21.96 4.38 14.65
CA LEU A 12 22.48 3.19 13.99
C LEU A 12 23.73 3.47 13.15
N THR A 13 24.77 2.65 13.36
CA THR A 13 26.03 2.77 12.63
C THR A 13 25.99 2.01 11.31
N ALA A 14 27.08 2.11 10.55
CA ALA A 14 27.15 1.48 9.24
C ALA A 14 27.02 -0.02 9.33
N GLU A 15 27.73 -0.64 10.27
CA GLU A 15 27.54 -2.08 10.46
C GLU A 15 26.36 -2.45 11.36
N ASP A 16 25.62 -1.47 11.87
CA ASP A 16 24.32 -1.80 12.46
C ASP A 16 23.37 -2.10 11.31
N TRP A 17 23.47 -1.28 10.28
CA TRP A 17 22.70 -1.50 9.05
C TRP A 17 23.06 -2.82 8.35
N ARG A 18 24.36 -3.10 8.28
CA ARG A 18 24.85 -4.30 7.61
C ARG A 18 24.36 -5.58 8.28
N VAL A 19 24.33 -5.59 9.61
CA VAL A 19 23.84 -6.72 10.38
C VAL A 19 22.31 -6.85 10.26
N LEU A 20 21.60 -5.72 10.37
CA LEU A 20 20.18 -5.70 10.13
C LEU A 20 19.86 -6.28 8.75
N THR A 21 20.58 -5.81 7.74
CA THR A 21 20.39 -6.29 6.37
C THR A 21 20.68 -7.78 6.26
N ALA A 22 21.72 -8.22 6.98
CA ALA A 22 22.10 -9.63 7.01
C ALA A 22 21.01 -10.51 7.61
N VAL A 23 20.33 -10.01 8.63
CA VAL A 23 19.22 -10.77 9.21
C VAL A 23 18.09 -10.89 8.19
N GLU A 24 17.84 -9.78 7.48
CA GLU A 24 16.85 -9.80 6.43
C GLU A 24 17.18 -10.86 5.37
N MET A 25 18.42 -10.88 4.90
CA MET A 25 18.78 -11.81 3.81
C MET A 25 18.73 -13.25 4.25
N GLY A 26 19.14 -13.49 5.49
CA GLY A 26 19.17 -14.84 6.05
C GLY A 26 17.79 -15.38 6.41
N SER A 27 16.79 -14.51 6.47
CA SER A 27 15.44 -14.97 6.77
C SER A 27 14.67 -15.25 5.49
N LYS A 28 15.37 -15.18 4.36
CA LYS A 28 14.82 -15.56 3.07
C LYS A 28 14.24 -16.98 3.07
N ASN A 29 14.98 -17.93 3.64
CA ASN A 29 14.49 -19.31 3.73
C ASN A 29 13.73 -19.56 5.04
N HIS A 30 14.42 -19.48 6.17
CA HIS A 30 13.80 -19.75 7.46
C HIS A 30 13.58 -18.48 8.27
N GLU A 31 12.61 -18.53 9.19
CA GLU A 31 12.23 -17.36 9.98
C GLU A 31 13.24 -16.98 11.08
N ILE A 32 13.81 -17.98 11.74
CA ILE A 32 14.85 -17.75 12.72
C ILE A 32 16.18 -17.86 12.00
N VAL A 33 17.04 -16.86 12.18
CA VAL A 33 18.35 -16.88 11.57
C VAL A 33 19.39 -17.08 12.66
N PRO A 34 20.03 -18.25 12.68
CA PRO A 34 21.04 -18.55 13.71
C PRO A 34 22.15 -17.52 13.76
N THR A 35 22.58 -17.20 14.97
CA THR A 35 23.67 -16.25 15.21
C THR A 35 24.89 -16.40 14.27
N PRO A 36 25.40 -17.64 14.10
CA PRO A 36 26.57 -17.73 13.21
C PRO A 36 26.25 -17.52 11.73
N LEU A 37 24.97 -17.64 11.35
CA LEU A 37 24.59 -17.32 9.98
C LEU A 37 24.47 -15.79 9.76
N ILE A 38 24.13 -15.05 10.81
CA ILE A 38 24.13 -13.58 10.72
C ILE A 38 25.58 -13.17 10.48
N GLU A 39 26.47 -13.75 11.28
CA GLU A 39 27.90 -13.43 11.21
C GLU A 39 28.43 -13.66 9.80
N LYS A 40 28.12 -14.81 9.22
CA LYS A 40 28.61 -15.16 7.90
C LYS A 40 28.09 -14.19 6.83
N ILE A 41 26.78 -14.01 6.79
CA ILE A 41 26.17 -13.09 5.83
C ILE A 41 26.69 -11.66 6.02
N ALA A 42 26.82 -11.24 7.28
CA ALA A 42 27.28 -9.88 7.61
C ALA A 42 28.76 -9.61 7.31
N ARG A 43 29.51 -10.66 6.97
CA ARG A 43 30.95 -10.53 6.76
C ARG A 43 31.30 -9.46 5.71
N LEU A 44 31.90 -8.38 6.19
CA LEU A 44 32.26 -7.22 5.38
C LEU A 44 33.25 -7.60 4.28
N ARG A 45 34.48 -7.92 4.70
CA ARG A 45 35.56 -8.30 3.78
C ARG A 45 35.84 -9.82 3.60
N GLY A 46 35.83 -10.64 4.66
CA GLY A 46 35.61 -10.27 6.05
C GLY A 46 35.62 -11.51 6.92
N GLY A 47 35.71 -11.32 8.23
CA GLY A 47 35.77 -9.99 8.82
C GLY A 47 34.40 -9.57 9.32
N SER A 48 34.09 -9.91 10.57
CA SER A 48 32.79 -9.53 11.13
C SER A 48 32.67 -8.00 11.33
N SER A 49 33.46 -7.37 12.21
CA SER A 49 34.37 -8.01 13.17
C SER A 49 33.77 -7.84 14.55
N GLY A 50 32.82 -6.92 14.66
CA GLY A 50 32.08 -6.66 15.89
C GLY A 50 30.58 -6.70 15.66
N VAL A 51 30.14 -7.64 14.83
CA VAL A 51 28.73 -7.80 14.54
C VAL A 51 27.95 -8.20 15.80
N HIS A 52 28.62 -8.87 16.73
CA HIS A 52 27.96 -9.30 17.96
C HIS A 52 27.42 -8.11 18.73
N LYS A 53 28.14 -6.99 18.67
CA LYS A 53 27.70 -5.77 19.34
C LYS A 53 26.51 -5.14 18.63
N SER A 54 26.60 -5.01 17.31
CA SER A 54 25.48 -4.55 16.50
C SER A 54 24.20 -5.35 16.80
N ILE A 55 24.33 -6.66 16.91
CA ILE A 55 23.19 -7.53 17.24
C ILE A 55 22.45 -7.07 18.51
N ALA A 56 23.21 -6.74 19.55
CA ALA A 56 22.62 -6.29 20.81
C ALA A 56 21.94 -4.93 20.67
N THR A 57 22.63 -4.01 19.98
CA THR A 57 22.07 -2.71 19.63
C THR A 57 20.72 -2.88 18.93
N LEU A 58 20.70 -3.74 17.91
CA LEU A 58 19.49 -3.94 17.11
C LEU A 58 18.39 -4.60 17.92
N ALA A 59 18.78 -5.52 18.79
CA ALA A 59 17.83 -6.22 19.65
C ALA A 59 17.22 -5.25 20.65
N LYS A 60 18.08 -4.46 21.29
CA LYS A 60 17.67 -3.45 22.24
C LYS A 60 16.67 -2.49 21.62
N ALA A 61 16.97 -2.04 20.41
CA ALA A 61 16.09 -1.13 19.66
C ALA A 61 14.88 -1.83 19.04
N GLY A 62 14.78 -3.14 19.18
CA GLY A 62 13.60 -3.85 18.74
C GLY A 62 13.48 -3.98 17.23
N LEU A 63 14.62 -4.04 16.56
CA LEU A 63 14.67 -4.18 15.11
C LEU A 63 14.81 -5.66 14.74
N ILE A 64 15.34 -6.43 15.68
CA ILE A 64 15.38 -7.89 15.61
C ILE A 64 15.00 -8.43 16.98
N ALA A 65 14.68 -9.72 17.04
CA ALA A 65 14.25 -10.32 18.28
C ALA A 65 14.81 -11.73 18.46
N ARG A 66 15.37 -12.01 19.63
CA ARG A 66 15.95 -13.32 19.92
C ARG A 66 14.91 -14.42 19.94
N MET A 67 15.21 -15.53 19.28
CA MET A 67 14.36 -16.71 19.32
C MET A 67 15.16 -17.95 19.72
N LYS A 68 14.81 -18.56 20.85
CA LYS A 68 15.40 -19.84 21.23
C LYS A 68 14.40 -20.94 20.89
N GLU A 69 14.89 -21.94 20.15
CA GLU A 69 14.07 -23.08 19.76
C GLU A 69 14.88 -24.36 19.96
N ALA A 70 14.24 -25.51 19.73
CA ALA A 70 14.86 -26.81 19.89
C ALA A 70 16.29 -26.88 19.35
N LYS A 71 16.48 -26.47 18.09
CA LYS A 71 17.81 -26.48 17.50
C LYS A 71 18.16 -25.08 17.00
N TYR A 72 17.14 -24.32 16.62
CA TYR A 72 17.34 -23.03 15.99
C TYR A 72 17.36 -21.91 17.03
N ASP A 73 18.56 -21.45 17.35
CA ASP A 73 18.77 -20.40 18.33
C ASP A 73 19.41 -19.21 17.62
N GLY A 74 18.61 -18.17 17.39
CA GLY A 74 19.08 -17.01 16.65
C GLY A 74 18.15 -15.82 16.81
N TYR A 75 18.03 -15.03 15.77
CA TYR A 75 17.19 -13.85 15.81
C TYR A 75 16.27 -13.78 14.60
N ARG A 76 15.15 -13.11 14.75
CA ARG A 76 14.31 -12.80 13.60
C ARG A 76 14.19 -11.31 13.45
N LEU A 77 13.92 -10.89 12.21
CA LEU A 77 13.59 -9.51 11.93
C LEU A 77 12.22 -9.19 12.53
N THR A 78 12.05 -8.01 13.11
CA THR A 78 10.72 -7.58 13.53
C THR A 78 10.13 -6.67 12.46
N TYR A 79 8.86 -6.33 12.63
CA TYR A 79 8.23 -5.40 11.71
C TYR A 79 8.93 -4.04 11.70
N GLY A 80 9.36 -3.59 12.88
CA GLY A 80 10.09 -2.33 12.99
C GLY A 80 11.38 -2.41 12.19
N GLY A 81 12.05 -3.55 12.27
CA GLY A 81 13.28 -3.76 11.51
C GLY A 81 13.11 -3.60 10.01
N LEU A 82 12.04 -4.18 9.47
CA LEU A 82 11.72 -4.08 8.05
C LEU A 82 11.41 -2.63 7.64
N ASP A 83 10.57 -1.96 8.43
CA ASP A 83 10.29 -0.51 8.29
C ASP A 83 11.62 0.25 8.13
N TYR A 84 12.52 0.06 9.11
CA TYR A 84 13.81 0.76 9.10
C TYR A 84 14.60 0.46 7.83
N LEU A 85 14.65 -0.82 7.45
CA LEU A 85 15.34 -1.21 6.22
C LEU A 85 14.74 -0.53 5.00
N ALA A 86 13.41 -0.46 4.93
CA ALA A 86 12.74 0.24 3.84
C ALA A 86 13.13 1.71 3.81
N LEU A 87 13.08 2.38 4.96
CA LEU A 87 13.42 3.80 5.04
C LEU A 87 14.86 4.06 4.62
N HIS A 88 15.76 3.18 5.05
CA HIS A 88 17.18 3.28 4.73
C HIS A 88 17.38 3.24 3.22
N THR A 89 16.67 2.33 2.57
CA THR A 89 16.73 2.21 1.12
C THR A 89 16.20 3.49 0.46
N HIS A 90 15.08 4.00 0.95
CA HIS A 90 14.55 5.25 0.39
C HIS A 90 15.51 6.43 0.62
N ALA A 91 16.16 6.46 1.78
CA ALA A 91 17.14 7.48 2.09
C ALA A 91 18.33 7.38 1.15
N ALA A 92 18.83 6.16 1.00
CA ALA A 92 20.08 5.93 0.26
C ALA A 92 19.91 6.26 -1.21
N ARG A 93 18.71 5.99 -1.74
CA ARG A 93 18.38 6.31 -3.12
C ARG A 93 17.93 7.76 -3.25
N LYS A 94 17.89 8.45 -2.11
CA LYS A 94 17.59 9.89 -2.02
C LYS A 94 16.15 10.25 -2.36
N ASP A 95 15.25 9.33 -2.07
CA ASP A 95 13.83 9.58 -2.28
C ASP A 95 13.23 10.19 -1.02
N VAL A 96 13.82 9.88 0.13
CA VAL A 96 13.34 10.39 1.40
C VAL A 96 14.48 11.01 2.19
N TYR A 97 14.30 12.24 2.64
CA TYR A 97 15.33 12.91 3.44
C TYR A 97 14.92 13.01 4.90
N SER A 98 13.63 13.31 5.13
CA SER A 98 13.07 13.43 6.46
C SER A 98 11.67 12.84 6.49
N VAL A 99 11.25 12.48 7.70
CA VAL A 99 9.95 11.89 7.93
C VAL A 99 9.13 12.86 8.79
N GLY A 100 7.87 13.03 8.41
CA GLY A 100 6.99 13.95 9.11
C GLY A 100 6.57 13.44 10.47
N SER A 101 6.18 14.36 11.36
CA SER A 101 5.71 14.06 12.71
C SER A 101 4.29 13.47 12.68
N ARG A 102 3.65 13.53 11.52
CA ARG A 102 2.25 13.15 11.38
C ARG A 102 2.14 11.80 10.69
N ILE A 103 1.71 10.78 11.43
CA ILE A 103 1.53 9.44 10.86
C ILE A 103 0.10 8.94 11.03
N GLY A 104 -0.52 8.59 9.91
CA GLY A 104 -1.91 8.14 9.93
C GLY A 104 -2.00 6.62 10.03
N VAL A 105 -2.40 6.14 11.20
CA VAL A 105 -2.47 4.70 11.45
C VAL A 105 -3.80 4.12 10.96
N GLY A 106 -3.74 3.28 9.92
CA GLY A 106 -4.95 2.72 9.32
C GLY A 106 -5.16 1.25 9.61
N LYS A 107 -6.22 0.68 9.06
CA LYS A 107 -6.56 -0.69 9.36
C LYS A 107 -5.66 -1.63 8.59
N GLU A 108 -5.26 -1.20 7.39
CA GLU A 108 -4.41 -2.07 6.57
CA GLU A 108 -4.49 -2.00 6.44
C GLU A 108 -3.11 -1.41 6.10
N SER A 109 -2.89 -0.16 6.48
CA SER A 109 -1.64 0.50 6.12
C SER A 109 -1.37 1.70 6.99
N ASP A 110 -0.11 2.14 7.04
CA ASP A 110 0.24 3.39 7.70
C ASP A 110 0.62 4.45 6.66
N ILE A 111 0.12 5.66 6.82
CA ILE A 111 0.41 6.74 5.88
C ILE A 111 1.28 7.76 6.59
N MET A 112 2.46 8.03 6.04
CA MET A 112 3.38 8.99 6.62
C MET A 112 3.63 10.08 5.59
N ILE A 113 3.94 11.27 6.05
CA ILE A 113 4.38 12.30 5.12
C ILE A 113 5.86 12.32 5.22
N VAL A 114 6.53 12.33 4.08
CA VAL A 114 7.96 12.49 4.08
C VAL A 114 8.35 13.67 3.20
N ALA A 115 9.60 14.11 3.32
CA ALA A 115 10.14 15.16 2.47
C ALA A 115 11.49 14.76 1.89
N ASP A 116 11.78 15.18 0.67
CA ASP A 116 13.11 14.95 0.13
C ASP A 116 14.07 16.11 0.43
N GLU A 117 15.28 16.03 -0.10
CA GLU A 117 16.34 16.99 0.17
C GLU A 117 15.97 18.40 -0.29
N LYS A 118 15.20 18.48 -1.37
CA LYS A 118 14.74 19.75 -1.89
C LYS A 118 13.58 20.35 -1.05
N GLY A 119 13.04 19.57 -0.13
CA GLY A 119 11.98 20.06 0.74
C GLY A 119 10.59 19.80 0.20
N LYS A 120 10.50 18.96 -0.82
CA LYS A 120 9.22 18.60 -1.41
C LYS A 120 8.55 17.48 -0.59
N GLN A 121 7.29 17.68 -0.22
CA GLN A 121 6.57 16.66 0.56
C GLN A 121 5.98 15.57 -0.32
N LYS A 122 6.11 14.34 0.13
CA LYS A 122 5.55 13.19 -0.55
C LYS A 122 4.93 12.26 0.48
N VAL A 123 4.20 11.25 0.03
CA VAL A 123 3.59 10.28 0.93
C VAL A 123 4.34 8.97 0.95
N LEU A 124 4.57 8.45 2.15
CA LEU A 124 5.11 7.11 2.29
C LEU A 124 3.98 6.20 2.78
N LYS A 125 3.66 5.17 2.01
CA LYS A 125 2.62 4.23 2.44
C LYS A 125 3.29 2.94 2.88
N ILE A 126 2.92 2.46 4.07
CA ILE A 126 3.50 1.23 4.61
C ILE A 126 2.39 0.20 4.76
N HIS A 127 2.50 -0.92 4.04
CA HIS A 127 1.45 -1.92 4.10
C HIS A 127 1.54 -2.77 5.36
N ARG A 128 0.38 -3.01 5.95
CA ARG A 128 0.23 -3.67 7.25
C ARG A 128 -0.76 -4.84 7.24
N LEU A 129 -0.66 -5.73 6.26
CA LEU A 129 -1.52 -6.90 6.21
C LEU A 129 -1.33 -7.73 7.49
N GLY A 130 -2.40 -8.28 8.05
CA GLY A 130 -2.31 -9.09 9.25
C GLY A 130 -2.58 -8.35 10.55
N ARG A 131 -2.57 -7.02 10.47
CA ARG A 131 -2.71 -6.19 11.67
C ARG A 131 -4.10 -6.34 12.27
N ILE A 132 -4.17 -6.52 13.59
CA ILE A 132 -5.46 -6.62 14.26
C ILE A 132 -5.35 -5.87 15.57
N SER A 133 -6.44 -5.30 16.04
CA SER A 133 -6.42 -4.67 17.37
C SER A 133 -7.35 -5.38 18.34
N PHE A 134 -6.91 -5.47 19.59
CA PHE A 134 -7.67 -6.14 20.63
C PHE A 134 -8.26 -5.17 21.64
N ARG A 135 -9.52 -5.39 22.01
CA ARG A 135 -10.19 -4.57 23.00
C ARG A 135 -10.42 -5.36 24.29
N THR A 136 -10.01 -4.78 25.41
CA THR A 136 -10.09 -5.48 26.67
C THR A 136 -11.55 -5.63 27.08
N VAL A 137 -11.87 -6.75 27.70
CA VAL A 137 -13.25 -7.05 27.99
C VAL A 137 -13.55 -6.79 29.46
N LYS A 138 -12.49 -6.48 30.20
CA LYS A 138 -12.55 -6.26 31.66
C LYS A 138 -13.04 -7.50 32.41
N ARG A 141 -2.91 -3.24 16.62
CA ARG A 141 -1.81 -3.21 17.58
C ARG A 141 -1.14 -4.58 17.78
N ASP A 142 -1.54 -5.55 16.96
N ASP A 142 -1.49 -5.55 16.95
CA ASP A 142 -1.01 -6.90 16.98
CA ASP A 142 -0.71 -6.78 16.84
C ASP A 142 -1.15 -7.49 15.58
C ASP A 142 -1.06 -7.45 15.54
N TYR A 143 -0.53 -8.66 15.34
CA TYR A 143 -0.75 -9.37 14.10
C TYR A 143 -1.38 -10.72 14.37
N LEU A 144 -2.32 -11.06 13.50
CA LEU A 144 -3.05 -12.31 13.60
C LEU A 144 -2.10 -13.48 13.48
N ARG A 145 -2.09 -14.34 14.50
CA ARG A 145 -1.13 -15.45 14.52
C ARG A 145 -1.52 -16.71 13.75
N ASN A 146 -2.37 -16.61 12.73
CA ASN A 146 -2.56 -17.77 11.85
C ASN A 146 -1.46 -17.81 10.80
N ARG A 147 -0.61 -16.78 10.80
CA ARG A 147 0.57 -16.74 9.95
C ARG A 147 1.77 -16.29 10.76
N SER A 148 2.97 -16.71 10.34
CA SER A 148 4.18 -16.23 10.99
C SER A 148 4.46 -14.80 10.58
N THR A 149 5.39 -14.19 11.31
CA THR A 149 5.82 -12.81 11.06
C THR A 149 6.36 -12.64 9.64
N GLY A 150 7.18 -13.61 9.22
CA GLY A 150 7.76 -13.60 7.89
C GLY A 150 6.68 -13.70 6.82
N SER A 151 5.61 -14.45 7.09
CA SER A 151 4.53 -14.54 6.10
C SER A 151 3.80 -13.21 5.93
N TRP A 152 3.48 -12.53 7.03
CA TRP A 152 2.83 -11.21 6.92
C TRP A 152 3.70 -10.20 6.21
N MET A 153 5.00 -10.23 6.49
CA MET A 153 5.97 -9.36 5.86
C MET A 153 6.01 -9.64 4.37
N TYR A 154 6.05 -10.92 4.01
CA TYR A 154 6.05 -11.32 2.60
C TYR A 154 4.81 -10.82 1.88
N LEU A 155 3.64 -10.94 2.54
CA LEU A 155 2.39 -10.53 1.94
C LEU A 155 2.30 -9.02 1.75
N SER A 156 2.86 -8.27 2.70
CA SER A 156 2.83 -6.81 2.62
C SER A 156 3.79 -6.34 1.54
N ARG A 157 4.86 -7.11 1.31
CA ARG A 157 5.79 -6.84 0.20
CA ARG A 157 5.77 -6.78 0.22
C ARG A 157 5.03 -6.96 -1.11
N LEU A 158 4.27 -8.04 -1.23
CA LEU A 158 3.51 -8.30 -2.45
C LEU A 158 2.48 -7.22 -2.67
N ALA A 159 1.86 -6.77 -1.58
CA ALA A 159 0.85 -5.73 -1.67
C ALA A 159 1.47 -4.46 -2.24
N ALA A 160 2.64 -4.07 -1.74
CA ALA A 160 3.31 -2.84 -2.17
C ALA A 160 3.77 -2.94 -3.63
N ILE A 161 4.34 -4.09 -4.00
CA ILE A 161 4.78 -4.31 -5.36
C ILE A 161 3.63 -4.23 -6.34
N LYS A 162 2.52 -4.89 -5.99
CA LYS A 162 1.32 -4.85 -6.81
C LYS A 162 0.77 -3.44 -6.99
N GLU A 163 0.58 -2.74 -5.88
CA GLU A 163 0.01 -1.40 -5.91
C GLU A 163 0.87 -0.45 -6.73
N PHE A 164 2.18 -0.60 -6.61
CA PHE A 164 3.09 0.30 -7.28
C PHE A 164 3.01 0.05 -8.79
N ALA A 165 2.93 -1.22 -9.17
CA ALA A 165 2.85 -1.57 -10.59
C ALA A 165 1.57 -1.02 -11.21
N PHE A 166 0.47 -1.11 -10.46
CA PHE A 166 -0.79 -0.57 -10.95
C PHE A 166 -0.80 0.93 -10.96
N MET A 167 -0.15 1.56 -9.99
CA MET A 167 -0.11 3.01 -9.98
C MET A 167 0.71 3.51 -11.17
N LYS A 168 1.81 2.84 -11.48
CA LYS A 168 2.57 3.17 -12.67
C LYS A 168 1.75 3.04 -13.96
N ALA A 169 1.10 1.90 -14.14
CA ALA A 169 0.33 1.66 -15.35
C ALA A 169 -0.75 2.72 -15.48
N LEU A 170 -1.43 3.02 -14.38
CA LEU A 170 -2.56 3.93 -14.44
C LEU A 170 -2.08 5.34 -14.66
N TYR A 171 -1.01 5.70 -13.98
CA TYR A 171 -0.45 7.04 -14.11
C TYR A 171 0.01 7.32 -15.55
N GLU A 172 0.64 6.33 -16.17
CA GLU A 172 1.15 6.50 -17.54
C GLU A 172 0.03 6.52 -18.58
N GLU A 173 -1.06 5.82 -18.32
CA GLU A 173 -2.22 5.91 -19.20
C GLU A 173 -3.01 7.20 -19.11
N GLY A 174 -2.67 8.07 -18.17
CA GLY A 174 -3.39 9.31 -18.00
C GLY A 174 -4.53 9.29 -16.99
N PHE A 175 -4.60 8.25 -16.16
CA PHE A 175 -5.60 8.20 -15.07
C PHE A 175 -5.25 9.16 -13.94
N PRO A 176 -6.26 9.70 -13.25
CA PRO A 176 -5.98 10.62 -12.13
C PRO A 176 -5.61 9.81 -10.85
N VAL A 177 -4.33 9.53 -10.68
CA VAL A 177 -3.86 8.75 -9.55
C VAL A 177 -2.60 9.48 -9.11
N PRO A 178 -2.11 9.17 -7.90
CA PRO A 178 -0.88 9.86 -7.48
C PRO A 178 0.28 9.44 -8.38
N GLU A 179 1.29 10.29 -8.51
CA GLU A 179 2.50 9.83 -9.21
C GLU A 179 3.30 8.87 -8.36
N PRO A 180 3.54 7.65 -8.87
CA PRO A 180 4.35 6.72 -8.08
C PRO A 180 5.82 7.13 -8.17
N ILE A 181 6.53 7.12 -7.05
CA ILE A 181 7.91 7.58 -7.07
C ILE A 181 8.95 6.49 -6.80
N ALA A 182 8.72 5.65 -5.80
CA ALA A 182 9.67 4.58 -5.53
C ALA A 182 8.97 3.50 -4.74
N GLN A 183 9.58 2.33 -4.66
CA GLN A 183 8.97 1.23 -3.91
C GLN A 183 10.07 0.41 -3.26
N SER A 184 9.93 0.13 -1.98
CA SER A 184 10.89 -0.77 -1.35
C SER A 184 10.19 -1.68 -0.36
N ARG A 185 10.36 -2.99 -0.52
CA ARG A 185 9.75 -3.96 0.39
C ARG A 185 8.23 -3.74 0.50
N HIS A 186 7.74 -3.44 1.71
CA HIS A 186 6.31 -3.22 1.92
C HIS A 186 5.88 -1.74 1.80
N THR A 187 6.70 -0.92 1.17
CA THR A 187 6.45 0.51 1.22
C THR A 187 6.37 1.16 -0.15
N ILE A 188 5.64 2.25 -0.25
CA ILE A 188 5.63 3.00 -1.50
C ILE A 188 5.80 4.46 -1.16
N VAL A 189 6.61 5.16 -1.94
CA VAL A 189 6.69 6.61 -1.84
C VAL A 189 5.94 7.14 -3.04
N MET A 190 4.99 8.05 -2.81
CA MET A 190 4.23 8.58 -3.93
C MET A 190 3.98 10.07 -3.69
N SER A 191 3.55 10.78 -4.74
CA SER A 191 3.31 12.22 -4.59
C SER A 191 2.19 12.44 -3.59
N LEU A 192 2.23 13.60 -2.94
CA LEU A 192 1.17 14.01 -2.04
C LEU A 192 0.13 14.76 -2.87
N VAL A 193 -1.08 14.26 -2.93
CA VAL A 193 -2.12 14.88 -3.76
C VAL A 193 -2.79 15.97 -2.94
N ASP A 194 -2.99 17.15 -3.52
CA ASP A 194 -3.71 18.20 -2.80
C ASP A 194 -5.22 18.00 -2.91
N ALA A 195 -5.71 16.94 -2.29
CA ALA A 195 -7.11 16.61 -2.30
C ALA A 195 -7.39 15.82 -1.03
N LEU A 196 -8.62 15.88 -0.57
CA LEU A 196 -9.06 15.20 0.64
C LEU A 196 -10.10 14.14 0.27
N PRO A 197 -10.22 13.08 1.08
CA PRO A 197 -11.19 12.01 0.80
C PRO A 197 -12.59 12.59 0.57
N MET A 198 -13.32 12.04 -0.40
CA MET A 198 -14.69 12.46 -0.68
C MET A 198 -15.61 12.36 0.56
N ARG A 199 -15.32 11.39 1.43
CA ARG A 199 -16.09 11.20 2.65
C ARG A 199 -16.31 12.52 3.41
N GLN A 200 -15.32 13.40 3.38
CA GLN A 200 -15.40 14.63 4.17
C GLN A 200 -15.69 15.88 3.36
N VAL A 201 -16.01 15.71 2.07
CA VAL A 201 -16.33 16.84 1.22
C VAL A 201 -17.48 17.61 1.84
N SER A 202 -17.30 18.92 2.03
CA SER A 202 -18.24 19.68 2.84
C SER A 202 -19.47 20.16 2.08
N SER A 203 -19.33 20.40 0.79
CA SER A 203 -20.48 20.84 -0.01
C SER A 203 -20.35 20.52 -1.48
N VAL A 204 -21.33 19.78 -1.99
CA VAL A 204 -21.44 19.53 -3.42
C VAL A 204 -22.78 20.03 -3.95
N PRO A 205 -22.77 21.20 -4.60
CA PRO A 205 -24.01 21.75 -5.15
C PRO A 205 -24.55 20.93 -6.33
N ASP A 206 -23.68 20.22 -7.06
CA ASP A 206 -24.08 19.41 -8.21
C ASP A 206 -23.61 17.95 -8.12
N PRO A 207 -24.32 17.14 -7.32
CA PRO A 207 -23.96 15.73 -7.14
C PRO A 207 -23.93 14.95 -8.45
N ALA A 208 -24.83 15.28 -9.37
CA ALA A 208 -24.98 14.53 -10.62
C ALA A 208 -23.73 14.54 -11.51
N SER A 209 -23.03 15.67 -11.52
CA SER A 209 -21.79 15.79 -12.29
C SER A 209 -20.71 14.93 -11.68
N LEU A 210 -20.56 15.02 -10.37
CA LEU A 210 -19.53 14.25 -9.68
C LEU A 210 -19.82 12.75 -9.84
N TYR A 211 -21.08 12.37 -9.65
CA TYR A 211 -21.51 10.99 -9.84
C TYR A 211 -21.16 10.49 -11.23
N ALA A 212 -21.48 11.30 -12.24
CA ALA A 212 -21.16 10.94 -13.63
C ALA A 212 -19.66 10.79 -13.83
N ASP A 213 -18.87 11.66 -13.19
CA ASP A 213 -17.42 11.53 -13.26
C ASP A 213 -16.91 10.20 -12.63
N LEU A 214 -17.43 9.85 -11.46
CA LEU A 214 -17.01 8.61 -10.80
C LEU A 214 -17.39 7.37 -11.61
N ILE A 215 -18.59 7.40 -12.18
CA ILE A 215 -19.07 6.29 -13.01
C ILE A 215 -18.21 6.16 -14.26
N ALA A 216 -17.92 7.29 -14.91
CA ALA A 216 -17.00 7.25 -16.04
C ALA A 216 -15.64 6.64 -15.65
N LEU A 217 -15.15 6.95 -14.45
CA LEU A 217 -13.91 6.33 -13.98
C LEU A 217 -13.99 4.80 -13.88
N ILE A 218 -15.08 4.29 -13.32
CA ILE A 218 -15.22 2.84 -13.19
C ILE A 218 -15.28 2.19 -14.56
N LEU A 219 -16.02 2.82 -15.47
CA LEU A 219 -16.10 2.34 -16.84
C LEU A 219 -14.77 2.51 -17.57
N ARG A 220 -14.06 3.61 -17.33
CA ARG A 220 -12.76 3.77 -17.97
C ARG A 220 -11.78 2.71 -17.48
N LEU A 221 -11.75 2.46 -16.18
CA LEU A 221 -10.94 1.38 -15.62
C LEU A 221 -11.27 0.05 -16.30
N ALA A 222 -12.56 -0.26 -16.41
CA ALA A 222 -13.00 -1.56 -16.96
C ALA A 222 -12.58 -1.72 -18.41
N LYS A 223 -12.67 -0.64 -19.18
CA LYS A 223 -12.20 -0.62 -20.56
C LYS A 223 -10.72 -0.95 -20.66
N HIS A 224 -9.95 -0.69 -19.60
CA HIS A 224 -8.53 -1.05 -19.56
C HIS A 224 -8.27 -2.35 -18.80
N GLY A 225 -9.32 -3.14 -18.57
CA GLY A 225 -9.16 -4.46 -17.97
C GLY A 225 -9.17 -4.52 -16.45
N LEU A 226 -9.50 -3.41 -15.80
CA LEU A 226 -9.40 -3.34 -14.34
C LEU A 226 -10.70 -3.07 -13.59
N ILE A 227 -10.77 -3.62 -12.38
CA ILE A 227 -11.80 -3.31 -11.42
C ILE A 227 -11.09 -2.95 -10.13
N HIS A 228 -11.40 -1.78 -9.59
CA HIS A 228 -10.66 -1.24 -8.43
C HIS A 228 -10.82 -2.14 -7.21
N GLY A 229 -12.05 -2.52 -6.89
CA GLY A 229 -12.32 -3.51 -5.84
C GLY A 229 -12.52 -2.89 -4.46
N ASP A 230 -12.21 -1.61 -4.31
CA ASP A 230 -12.47 -0.94 -3.03
C ASP A 230 -12.79 0.54 -3.31
N PHE A 231 -13.68 0.73 -4.29
CA PHE A 231 -13.97 2.04 -4.86
C PHE A 231 -15.07 2.67 -4.01
N ASN A 232 -14.67 3.53 -3.10
CA ASN A 232 -15.60 4.14 -2.15
C ASN A 232 -15.07 5.49 -1.71
N GLU A 233 -15.75 6.10 -0.74
CA GLU A 233 -15.54 7.50 -0.44
C GLU A 233 -14.25 7.75 0.35
N PHE A 234 -13.56 6.66 0.71
CA PHE A 234 -12.25 6.73 1.37
C PHE A 234 -11.10 6.64 0.38
N ASN A 235 -11.36 6.08 -0.80
CA ASN A 235 -10.31 5.91 -1.80
C ASN A 235 -10.47 6.84 -2.98
N ILE A 236 -11.40 7.76 -2.83
CA ILE A 236 -11.60 8.82 -3.81
C ILE A 236 -11.29 10.14 -3.13
N LEU A 237 -10.32 10.85 -3.68
CA LEU A 237 -9.94 12.14 -3.18
C LEU A 237 -10.54 13.15 -4.13
N ILE A 238 -10.94 14.30 -3.60
CA ILE A 238 -11.55 15.33 -4.40
C ILE A 238 -10.65 16.56 -4.39
N ARG A 239 -10.12 16.92 -5.55
CA ARG A 239 -9.39 18.18 -5.65
C ARG A 239 -10.40 19.27 -5.91
N GLU A 240 -10.36 20.34 -5.12
CA GLU A 240 -11.28 21.45 -5.28
C GLU A 240 -10.56 22.64 -5.92
N GLU A 241 -11.19 23.27 -6.90
CA GLU A 241 -10.60 24.46 -7.52
C GLU A 241 -11.64 25.56 -7.76
N LYS A 242 -11.32 26.76 -7.30
CA LYS A 242 -12.17 27.90 -7.60
C LYS A 242 -12.05 28.25 -9.08
N ASP A 243 -13.18 28.52 -9.69
CA ASP A 243 -13.22 28.85 -11.11
C ASP A 243 -12.67 30.25 -11.38
N ALA A 244 -11.96 30.39 -12.51
CA ALA A 244 -11.33 31.64 -12.90
C ALA A 244 -12.30 32.81 -12.99
N GLU A 245 -13.51 32.54 -13.45
CA GLU A 245 -14.47 33.62 -13.70
C GLU A 245 -15.29 34.01 -12.49
N ASP A 246 -15.84 33.03 -11.78
CA ASP A 246 -16.40 33.32 -10.46
C ASP A 246 -16.05 32.26 -9.41
N PRO A 247 -15.54 32.72 -8.26
CA PRO A 247 -14.96 31.86 -7.24
C PRO A 247 -16.02 31.15 -6.38
N SER A 248 -17.27 31.61 -6.47
CA SER A 248 -18.39 30.92 -5.84
C SER A 248 -18.49 29.47 -6.31
N SER A 249 -18.29 29.24 -7.61
CA SER A 249 -18.36 27.88 -8.15
C SER A 249 -17.04 27.13 -7.97
N ILE A 250 -17.14 25.88 -7.55
CA ILE A 250 -15.97 25.07 -7.27
C ILE A 250 -16.02 23.88 -8.20
N THR A 251 -14.98 23.69 -9.00
CA THR A 251 -14.88 22.49 -9.81
C THR A 251 -14.22 21.39 -8.99
N LEU A 252 -14.79 20.19 -9.08
CA LEU A 252 -14.35 19.07 -8.27
C LEU A 252 -13.77 17.99 -9.16
N THR A 253 -12.57 17.56 -8.83
CA THR A 253 -11.82 16.64 -9.63
C THR A 253 -11.45 15.44 -8.77
N PRO A 254 -11.97 14.25 -9.13
CA PRO A 254 -11.69 13.08 -8.30
C PRO A 254 -10.35 12.45 -8.66
N ILE A 255 -9.67 11.96 -7.64
CA ILE A 255 -8.41 11.24 -7.79
C ILE A 255 -8.58 9.91 -7.07
N ILE A 256 -8.09 8.84 -7.67
CA ILE A 256 -8.25 7.51 -7.06
C ILE A 256 -6.94 7.04 -6.46
N ILE A 257 -7.01 6.36 -5.33
CA ILE A 257 -5.83 5.79 -4.70
C ILE A 257 -6.19 4.39 -4.20
N PHD A 258 -5.19 3.68 -3.69
CA PHD A 258 -5.37 2.44 -2.94
C PHD A 258 -5.64 1.29 -3.89
O PHD A 258 -6.82 0.91 -4.13
CB PHD A 258 -6.37 2.58 -1.81
CG PHD A 258 -6.12 1.46 -0.85
OD1 PHD A 258 -6.94 1.29 0.21
OD2 PHD A 258 -5.29 0.64 -1.09
P PHD A 258 -6.90 -0.20 0.82
OP1 PHD A 258 -5.57 -0.86 1.01
OP2 PHD A 258 -7.49 -0.20 2.23
OP3 PHD A 258 -7.68 -1.12 -0.12
N PHE A 259 -4.57 0.72 -4.42
CA PHE A 259 -4.66 -0.28 -5.48
C PHE A 259 -4.17 -1.73 -5.20
N PRO A 260 -3.79 -2.09 -3.94
CA PRO A 260 -3.30 -3.47 -3.85
C PRO A 260 -4.40 -4.52 -4.10
N GLN A 261 -5.67 -4.14 -4.07
CA GLN A 261 -6.76 -5.09 -4.25
C GLN A 261 -7.37 -5.14 -5.66
N MET A 262 -6.88 -4.32 -6.58
CA MET A 262 -7.39 -4.33 -7.95
C MET A 262 -7.43 -5.70 -8.59
N VAL A 263 -8.48 -5.95 -9.36
CA VAL A 263 -8.59 -7.23 -10.04
C VAL A 263 -8.89 -7.01 -11.52
N SER A 264 -8.53 -7.98 -12.33
CA SER A 264 -8.78 -7.92 -13.76
C SER A 264 -10.24 -8.12 -14.06
N MET A 265 -10.72 -7.53 -15.16
CA MET A 265 -12.10 -7.78 -15.59
C MET A 265 -12.32 -9.24 -15.95
N ASP A 266 -11.22 -10.00 -16.05
CA ASP A 266 -11.30 -11.43 -16.34
C ASP A 266 -11.34 -12.29 -15.07
N HIS A 267 -11.43 -11.66 -13.90
CA HIS A 267 -11.43 -12.40 -12.65
C HIS A 267 -12.71 -13.18 -12.56
N PRO A 268 -12.65 -14.42 -12.04
CA PRO A 268 -13.84 -15.28 -11.95
C PRO A 268 -15.00 -14.57 -11.24
N ASN A 269 -14.68 -13.73 -10.26
CA ASN A 269 -15.70 -12.97 -9.56
C ASN A 269 -15.85 -11.53 -10.05
N ALA A 270 -15.47 -11.25 -11.30
CA ALA A 270 -15.40 -9.86 -11.76
C ALA A 270 -16.73 -9.14 -11.64
N GLU A 271 -17.82 -9.85 -11.96
CA GLU A 271 -19.14 -9.24 -11.91
C GLU A 271 -19.51 -8.78 -10.51
N MET A 272 -19.23 -9.61 -9.51
CA MET A 272 -19.47 -9.22 -8.13
C MET A 272 -18.63 -7.98 -7.75
N TYR A 273 -17.36 -7.97 -8.14
CA TYR A 273 -16.46 -6.84 -7.81
C TYR A 273 -16.89 -5.55 -8.53
N PHE A 274 -17.20 -5.66 -9.82
CA PHE A 274 -17.75 -4.52 -10.56
C PHE A 274 -18.99 -3.96 -9.86
N ASP A 275 -20.01 -4.81 -9.70
CA ASP A 275 -21.30 -4.38 -9.17
C ASP A 275 -21.14 -3.74 -7.79
N ARG A 276 -20.18 -4.26 -7.02
CA ARG A 276 -19.96 -3.79 -5.67
C ARG A 276 -19.39 -2.37 -5.66
N ASP A 277 -18.46 -2.10 -6.57
CA ASP A 277 -17.93 -0.74 -6.72
C ASP A 277 -19.04 0.26 -7.06
N VAL A 278 -19.84 -0.06 -8.07
CA VAL A 278 -20.94 0.80 -8.49
C VAL A 278 -21.96 1.01 -7.35
N GLN A 279 -22.31 -0.06 -6.65
CA GLN A 279 -23.27 0.05 -5.55
C GLN A 279 -22.73 0.87 -4.38
N CYS A 280 -21.41 0.82 -4.15
CA CYS A 280 -20.79 1.66 -3.12
C CYS A 280 -20.97 3.15 -3.42
N ILE A 281 -20.69 3.52 -4.67
CA ILE A 281 -20.90 4.88 -5.14
C ILE A 281 -22.36 5.31 -5.01
N LYS A 282 -23.29 4.52 -5.54
CA LYS A 282 -24.72 4.84 -5.44
C LYS A 282 -25.15 5.00 -3.99
N ARG A 283 -24.79 4.04 -3.14
CA ARG A 283 -25.11 4.13 -1.71
C ARG A 283 -24.64 5.47 -1.12
N PHE A 284 -23.38 5.80 -1.32
CA PHE A 284 -22.83 7.04 -0.80
C PHE A 284 -23.60 8.27 -1.29
N PHE A 285 -23.82 8.33 -2.60
CA PHE A 285 -24.58 9.42 -3.18
C PHE A 285 -26.01 9.49 -2.71
N GLU A 286 -26.54 8.36 -2.23
CA GLU A 286 -27.91 8.35 -1.78
C GLU A 286 -27.97 8.89 -0.36
N ARG A 287 -27.08 8.40 0.52
CA ARG A 287 -27.10 8.83 1.91
C ARG A 287 -26.51 10.22 2.14
N ARG A 288 -25.48 10.59 1.39
CA ARG A 288 -24.79 11.86 1.61
C ARG A 288 -25.41 13.07 0.87
N PHE A 289 -25.83 12.89 -0.37
CA PHE A 289 -26.41 14.00 -1.13
C PHE A 289 -27.87 13.76 -1.53
N HIS A 290 -28.44 12.65 -1.07
CA HIS A 290 -29.81 12.29 -1.42
C HIS A 290 -30.01 12.33 -2.92
N PHE A 291 -29.01 11.79 -3.63
CA PHE A 291 -29.02 11.73 -5.07
C PHE A 291 -29.11 10.30 -5.54
N VAL A 292 -29.92 10.09 -6.57
CA VAL A 292 -30.16 8.78 -7.13
C VAL A 292 -30.20 8.92 -8.63
N SER A 293 -29.31 8.24 -9.34
CA SER A 293 -29.31 8.35 -10.79
C SER A 293 -30.57 7.74 -11.41
N THR A 294 -31.06 8.40 -12.45
CA THR A 294 -32.16 7.89 -13.24
C THR A 294 -31.61 6.90 -14.25
N THR A 295 -30.29 6.87 -14.38
CA THR A 295 -29.64 5.99 -15.35
C THR A 295 -29.36 4.62 -14.76
N PRO A 296 -30.00 3.56 -15.31
CA PRO A 296 -29.81 2.20 -14.81
C PRO A 296 -28.37 1.70 -15.02
N GLY A 297 -27.91 0.85 -14.11
CA GLY A 297 -26.55 0.34 -14.19
C GLY A 297 -25.51 1.35 -13.73
N PRO A 298 -24.31 1.36 -14.36
CA PRO A 298 -23.94 0.46 -15.46
C PRO A 298 -23.83 -0.98 -14.97
N PHE A 299 -23.99 -1.93 -15.88
CA PHE A 299 -23.96 -3.33 -15.50
C PHE A 299 -22.70 -3.95 -16.05
N TYR A 300 -22.19 -4.96 -15.35
CA TYR A 300 -20.97 -5.66 -15.74
C TYR A 300 -21.00 -6.18 -17.18
N LYS A 301 -22.11 -6.78 -17.59
CA LYS A 301 -22.16 -7.37 -18.94
C LYS A 301 -21.97 -6.31 -20.03
N ASP A 302 -22.45 -5.10 -19.76
CA ASP A 302 -22.17 -3.97 -20.65
C ASP A 302 -20.68 -3.70 -20.66
N ALA A 303 -20.13 -3.39 -19.48
CA ALA A 303 -18.72 -3.03 -19.34
C ALA A 303 -17.75 -4.03 -20.00
N LYS A 304 -17.97 -5.33 -19.78
CA LYS A 304 -17.04 -6.33 -20.29
C LYS A 304 -16.90 -6.31 -21.82
N LYS A 305 -17.94 -5.88 -22.52
CA LYS A 305 -17.90 -5.79 -23.98
C LYS A 305 -16.87 -4.76 -24.46
N THR A 306 -16.48 -3.86 -23.56
CA THR A 306 -15.68 -2.69 -23.90
C THR A 306 -14.17 -2.89 -23.71
N VAL A 307 -13.78 -4.03 -23.15
CA VAL A 307 -12.37 -4.28 -22.91
C VAL A 307 -11.79 -5.20 -23.99
N GLY A 308 -10.63 -4.83 -24.54
CA GLY A 308 -10.11 -3.48 -24.47
C GLY A 308 -10.32 -2.93 -25.88
N LYS A 309 -11.52 -2.44 -26.13
CA LYS A 309 -11.89 -1.94 -27.44
C LYS A 309 -11.24 -0.58 -27.70
N ASP A 310 -11.15 -0.22 -28.99
CA ASP A 310 -10.42 0.98 -29.44
C ASP A 310 -8.94 0.88 -29.06
N GLY A 311 -8.34 1.99 -28.65
CA GLY A 311 -6.92 1.98 -28.32
C GLY A 311 -6.59 1.26 -27.02
N ALA A 312 -7.62 0.89 -26.27
CA ALA A 312 -7.51 0.49 -24.86
C ALA A 312 -6.43 -0.54 -24.53
N LYS A 313 -5.36 -0.05 -23.93
CA LYS A 313 -4.29 -0.90 -23.44
C LYS A 313 -4.78 -1.67 -22.21
N ARG A 314 -4.50 -2.97 -22.17
CA ARG A 314 -4.92 -3.80 -21.04
C ARG A 314 -3.96 -3.62 -19.88
N LEU A 315 -4.37 -2.86 -18.87
CA LEU A 315 -3.48 -2.54 -17.76
C LEU A 315 -3.36 -3.69 -16.77
N ASP A 316 -4.26 -4.67 -16.89
CA ASP A 316 -4.29 -5.79 -15.97
C ASP A 316 -3.17 -6.80 -16.26
N ALA A 317 -2.18 -6.37 -17.03
CA ALA A 317 -1.03 -7.20 -17.34
C ALA A 317 0.24 -6.57 -16.78
N ALA A 318 0.07 -5.48 -16.04
CA ALA A 318 1.20 -4.78 -15.42
C ALA A 318 1.90 -5.65 -14.38
N LEU A 319 1.14 -6.57 -13.82
CA LEU A 319 1.66 -7.48 -12.79
C LEU A 319 2.61 -8.53 -13.37
N GLU A 320 2.36 -8.96 -14.61
CA GLU A 320 3.20 -9.98 -15.25
C GLU A 320 4.63 -9.48 -15.30
N ALA A 321 4.77 -8.16 -15.42
CA ALA A 321 6.04 -7.51 -15.66
C ALA A 321 7.06 -7.71 -14.54
N SER A 322 6.57 -7.83 -13.32
CA SER A 322 7.45 -7.77 -12.16
C SER A 322 8.18 -9.07 -11.82
N GLY A 323 7.52 -10.20 -12.06
CA GLY A 323 8.01 -11.48 -11.57
C GLY A 323 6.97 -11.97 -10.59
N PHE A 324 5.75 -11.49 -10.78
CA PHE A 324 4.63 -11.87 -9.94
C PHE A 324 4.09 -13.23 -10.37
N THR A 325 4.45 -14.29 -9.65
CA THR A 325 3.97 -15.62 -9.97
C THR A 325 2.46 -15.69 -9.75
N LYS A 326 1.84 -16.68 -10.37
CA LYS A 326 0.43 -16.93 -10.11
C LYS A 326 0.22 -17.24 -8.62
N LYS A 327 1.20 -17.90 -8.02
CA LYS A 327 1.14 -18.23 -6.61
C LYS A 327 1.17 -16.96 -5.74
N MET A 328 2.05 -16.03 -6.09
CA MET A 328 2.10 -14.74 -5.39
C MET A 328 0.77 -14.01 -5.45
N ALA A 329 0.13 -14.01 -6.61
CA ALA A 329 -1.17 -13.38 -6.78
C ALA A 329 -2.26 -14.03 -5.93
N LYS A 330 -2.25 -15.36 -5.86
CA LYS A 330 -3.26 -16.07 -5.09
C LYS A 330 -3.03 -15.83 -3.62
N ASP A 331 -1.76 -15.84 -3.22
CA ASP A 331 -1.40 -15.56 -1.83
C ASP A 331 -1.91 -14.19 -1.42
N LEU A 332 -1.58 -13.18 -2.21
CA LEU A 332 -2.01 -11.82 -1.92
C LEU A 332 -3.53 -11.68 -1.92
N GLU A 333 -4.21 -12.12 -2.97
CA GLU A 333 -5.67 -12.00 -3.01
C GLU A 333 -6.34 -12.71 -1.83
N ALA A 334 -5.80 -13.87 -1.44
CA ALA A 334 -6.39 -14.55 -0.29
C ALA A 334 -6.23 -13.68 0.96
N ALA A 335 -5.05 -13.13 1.17
CA ALA A 335 -4.81 -12.32 2.37
C ALA A 335 -5.69 -11.09 2.34
N ILE A 336 -5.80 -10.48 1.17
CA ILE A 336 -6.63 -9.29 1.01
C ILE A 336 -8.11 -9.55 1.21
N ARG A 337 -8.60 -10.63 0.62
CA ARG A 337 -10.03 -10.95 0.70
C ARG A 337 -10.37 -11.19 2.17
N GLU A 338 -9.48 -11.89 2.88
CA GLU A 338 -9.59 -12.08 4.32
C GLU A 338 -9.65 -10.76 5.09
N GLN A 339 -8.82 -9.80 4.72
CA GLN A 339 -8.84 -8.49 5.40
C GLN A 339 -10.19 -7.79 5.23
N GLN A 340 -10.66 -7.70 3.99
CA GLN A 340 -11.86 -6.90 3.71
C GLN A 340 -13.14 -7.64 4.13
N GLU A 341 -13.08 -8.97 4.13
CA GLU A 341 -14.21 -9.80 4.52
C GLU A 341 -14.53 -9.66 6.01
N SER A 342 -13.54 -9.26 6.80
CA SER A 342 -13.71 -9.17 8.24
C SER A 342 -13.57 -7.75 8.78
N ARG A 343 -13.87 -6.76 7.94
CA ARG A 343 -13.93 -5.37 8.37
C ARG A 343 -15.07 -5.15 9.37
PB ADP B . -5.36 2.29 3.14
O1B ADP B . -4.85 2.05 4.55
O2B ADP B . -6.83 2.55 2.96
O3B ADP B . -4.76 1.12 2.24
PA ADP B . -4.93 4.50 1.33
O1A ADP B . -6.40 4.32 1.06
O2A ADP B . -3.96 4.35 0.16
O3A ADP B . -4.49 3.53 2.54
O5' ADP B . -4.76 5.91 2.05
C5' ADP B . -5.48 6.17 3.27
C4' ADP B . -5.74 7.68 3.39
O4' ADP B . -4.50 8.41 3.31
C3' ADP B . -6.60 8.27 2.28
O3' ADP B . -8.01 8.16 2.54
C2' ADP B . -6.16 9.71 2.21
O2' ADP B . -6.70 10.45 3.32
C1' ADP B . -4.69 9.60 2.54
N9 ADP B . -3.82 9.47 1.35
C8 ADP B . -3.29 8.31 0.91
N7 ADP B . -2.49 8.51 -0.18
C5 ADP B . -2.52 9.85 -0.41
C6 ADP B . -1.90 10.77 -1.39
N6 ADP B . -1.09 10.28 -2.34
N1 ADP B . -2.18 12.08 -1.28
C2 ADP B . -2.99 12.58 -0.31
N3 ADP B . -3.58 11.81 0.61
C4 ADP B . -3.38 10.46 0.60
MG MG C . -7.97 3.04 1.25
C1 EDO D . 3.45 -6.74 8.15
O1 EDO D . 2.27 -6.43 7.41
C2 EDO D . 4.15 -5.44 8.53
O2 EDO D . 4.27 -4.66 7.35
C1 EDO E . 12.40 -5.39 -1.79
O1 EDO E . 11.54 -6.55 -1.69
C2 EDO E . 11.93 -4.48 -2.92
O2 EDO E . 10.53 -4.66 -3.17
#